data_1A83
#
_entry.id   1A83
#
_cell.length_a   1.000
_cell.length_b   1.000
_cell.length_c   1.000
_cell.angle_alpha   90.00
_cell.angle_beta   90.00
_cell.angle_gamma   90.00
#
_symmetry.space_group_name_H-M   'P 1'
#
_entity_poly.entity_id   1
_entity_poly.type   'polydeoxyribonucleotide'
_entity_poly.pdbx_seq_one_letter_code
;(MCY)(DC)(DT)(DT)(DT)(DC)(DC)(DT)(DT)(DT)(DA)(DC)(DC)(DT)(DT)(DT)(DC)(DC)
;
_entity_poly.pdbx_strand_id   A
#
loop_
_chem_comp.id
_chem_comp.type
_chem_comp.name
_chem_comp.formula
DA DNA linking 2'-DEOXYADENOSINE-5'-MONOPHOSPHATE 'C10 H14 N5 O6 P'
DC DNA linking 2'-DEOXYCYTIDINE-5'-MONOPHOSPHATE 'C9 H14 N3 O7 P'
DT DNA linking THYMIDINE-5'-MONOPHOSPHATE 'C10 H15 N2 O8 P'
MCY DNA linking 5-METHYL-2'-DEOXYCYTIDINE 'C10 H15 N3 O4'
#
# COMPACT_ATOMS: atom_id res chain seq x y z
N1 MCY A 1 0.27 0.02 0.92
C2 MCY A 1 0.81 0.35 2.15
N3 MCY A 1 1.12 1.66 2.35
C4 MCY A 1 0.89 2.59 1.39
C5 MCY A 1 0.36 2.23 0.22
C6 MCY A 1 0.06 0.96 0.00
O2 MCY A 1 1.01 -0.50 3.01
N4 MCY A 1 1.22 3.86 1.59
C1' MCY A 1 -0.12 -1.38 0.65
C2' MCY A 1 -1.61 -1.45 0.37
C3' MCY A 1 -1.78 -2.01 -1.01
C4' MCY A 1 -0.37 -2.29 -1.53
O4' MCY A 1 0.57 -1.88 -0.51
O3' MCY A 1 -2.56 -3.22 -0.99
C5' MCY A 1 -0.10 -1.55 -2.83
O5' MCY A 1 -0.72 -2.20 -3.94
C5A MCY A 1 0.06 3.29 -0.86
H6 MCY A 1 -0.31 0.68 -0.96
HN41 MCY A 1 1.06 4.55 0.87
HN42 MCY A 1 1.64 4.13 2.44
H1' MCY A 1 0.13 -1.99 1.51
H2' MCY A 1 -2.05 -0.46 0.42
H2'' MCY A 1 -2.09 -2.10 1.09
H3' MCY A 1 -2.26 -1.27 -1.65
H4' MCY A 1 -0.26 -3.36 -1.69
H5' MCY A 1 -0.48 -0.53 -2.75
H5'' MCY A 1 0.98 -1.50 -3.01
HO5' MCY A 1 -1.63 -2.38 -3.70
H5A1 MCY A 1 0.31 2.88 -1.84
H5A2 MCY A 1 0.66 4.18 -0.67
H5A3 MCY A 1 -0.99 3.54 -0.83
N1 MCY A 1 0.44 -0.26 0.93
C2 MCY A 1 0.76 0.24 2.17
N3 MCY A 1 1.04 1.58 2.24
C4 MCY A 1 0.98 2.36 1.14
C5 MCY A 1 0.65 1.83 -0.05
C6 MCY A 1 0.38 0.54 -0.14
O2 MCY A 1 0.81 -0.48 3.16
N4 MCY A 1 1.29 3.65 1.20
C1' MCY A 1 0.09 -1.68 0.79
C2' MCY A 1 -1.32 -1.83 0.26
C3' MCY A 1 -1.23 -2.41 -1.12
C4' MCY A 1 0.23 -2.78 -1.31
O4' MCY A 1 0.97 -2.32 -0.16
O3' MCY A 1 -2.08 -3.57 -1.25
C5' MCY A 1 0.80 -2.17 -2.59
O5' MCY A 1 1.25 -0.82 -2.38
C5A MCY A 1 0.55 2.71 -1.29
H6 MCY A 1 0.16 0.12 -1.09
HN41 MCY A 1 1.27 4.22 0.37
HN42 MCY A 1 1.56 4.06 2.07
H1' MCY A 1 0.18 -2.17 1.76
H2' MCY A 1 -1.82 -0.85 0.22
H2'' MCY A 1 -1.89 -2.48 0.91
H3' MCY A 1 -1.51 -1.66 -1.85
H4' MCY A 1 0.32 -3.87 -1.37
H5' MCY A 1 1.63 -2.77 -2.94
H5'' MCY A 1 0.01 -2.16 -3.35
HO5' MCY A 1 1.80 -0.83 -1.59
H5A1 MCY A 1 0.81 3.74 -1.05
H5A2 MCY A 1 -0.46 2.68 -1.69
H5A3 MCY A 1 1.24 2.34 -2.06
N1 MCY A 1 0.29 -0.15 1.25
C2 MCY A 1 0.89 0.03 2.48
N3 MCY A 1 1.39 1.25 2.74
C4 MCY A 1 1.31 2.25 1.86
C5 MCY A 1 0.71 2.07 0.67
C6 MCY A 1 0.22 0.87 0.37
O2 MCY A 1 0.89 -0.84 3.34
N4 MCY A 1 1.70 3.45 2.27
C1' MCY A 1 -0.22 -1.49 0.90
C2' MCY A 1 -1.67 -1.41 0.45
C3' MCY A 1 -1.69 -1.78 -1.01
C4' MCY A 1 -0.27 -2.26 -1.34
O4' MCY A 1 0.55 -2.06 -0.17
O3' MCY A 1 -2.64 -2.81 -1.28
C5' MCY A 1 0.30 -1.50 -2.53
O5' MCY A 1 -0.63 -1.46 -3.62
C5A MCY A 1 0.60 3.22 -0.33
H6 MCY A 1 -0.21 0.70 -0.60
HN41 MCY A 1 2.17 3.52 3.16
HN42 MCY A 1 1.41 4.28 1.81
H1' MCY A 1 -0.16 -2.14 1.78
H2' MCY A 1 -2.05 -0.40 0.58
H2'' MCY A 1 -2.27 -2.12 1.01
H3' MCY A 1 -1.92 -0.90 -1.60
H4' MCY A 1 -0.30 -3.32 -1.57
H5' MCY A 1 0.52 -0.47 -2.23
H5'' MCY A 1 1.21 -1.98 -2.87
HO5' MCY A 1 -1.48 -1.78 -3.29
H5A1 MCY A 1 1.43 3.18 -1.04
H5A2 MCY A 1 0.62 4.17 0.20
H5A3 MCY A 1 -0.34 3.13 -0.88
N1 MCY A 1 0.45 -0.29 1.57
C2 MCY A 1 1.14 -0.08 2.75
N3 MCY A 1 1.66 1.14 2.95
C4 MCY A 1 1.51 2.13 2.06
C5 MCY A 1 0.83 1.92 0.93
C6 MCY A 1 0.31 0.71 0.68
O2 MCY A 1 1.21 -0.94 3.63
N4 MCY A 1 1.94 3.32 2.41
C1' MCY A 1 -0.07 -1.64 1.29
C2' MCY A 1 -1.54 -1.58 0.90
C3' MCY A 1 -1.65 -2.04 -0.53
C4' MCY A 1 -0.24 -2.40 -0.96
O4' MCY A 1 0.64 -2.23 0.18
O3' MCY A 1 -2.52 -3.18 -0.62
C5' MCY A 1 0.23 -1.52 -2.12
O5' MCY A 1 -0.10 -2.10 -3.38
C5A MCY A 1 0.61 3.06 -0.07
H6 MCY A 1 -0.18 0.53 -0.25
HN41 MCY A 1 2.47 3.42 3.26
HN42 MCY A 1 1.62 4.15 1.95
H1' MCY A 1 0.04 -2.27 2.16
H2' MCY A 1 -1.91 -0.56 0.99
H2'' MCY A 1 -2.12 -2.23 1.55
H3' MCY A 1 -2.02 -1.23 -1.15
H4' MCY A 1 -0.21 -3.44 -1.27
H5' MCY A 1 -0.26 -0.55 -2.05
H5'' MCY A 1 1.30 -1.39 -2.06
HO5' MCY A 1 -1.03 -2.33 -3.36
H5A1 MCY A 1 1.43 3.09 -0.78
H5A2 MCY A 1 0.56 4.01 0.47
H5A3 MCY A 1 -0.32 2.90 -0.61
N1 MCY A 1 0.60 -0.49 1.29
C2 MCY A 1 1.12 -0.37 2.55
N3 MCY A 1 1.60 0.84 2.90
C4 MCY A 1 1.56 1.88 2.07
C5 MCY A 1 1.03 1.77 0.84
C6 MCY A 1 0.56 0.58 0.46
O2 MCY A 1 1.07 -1.28 3.36
N4 MCY A 1 1.94 3.05 2.56
C1' MCY A 1 0.14 -1.82 0.84
C2' MCY A 1 -1.33 -1.78 0.44
C3' MCY A 1 -1.41 -2.32 -0.96
C4' MCY A 1 0.02 -2.64 -1.38
O4' MCY A 1 0.90 -2.26 -0.30
O3' MCY A 1 -2.23 -3.50 -1.00
C5' MCY A 1 0.39 -1.89 -2.66
O5' MCY A 1 -0.62 -2.06 -3.67
C5A MCY A 1 0.95 2.96 -0.09
H6 MCY A 1 0.18 0.45 -0.54
HN41 MCY A 1 2.36 3.07 3.47
HN42 MCY A 1 1.68 3.91 2.13
H1' MCY A 1 0.27 -2.54 1.66
H2' MCY A 1 -1.68 -0.75 0.46
H2'' MCY A 1 -1.90 -2.39 1.11
H3' MCY A 1 -1.82 -1.56 -1.62
H4' MCY A 1 0.10 -3.71 -1.56
H5' MCY A 1 0.49 -0.83 -2.44
H5'' MCY A 1 1.34 -2.27 -3.03
HO5' MCY A 1 -1.46 -2.17 -3.23
H5A1 MCY A 1 1.78 2.92 -0.81
H5A2 MCY A 1 1.01 3.89 0.48
H5A3 MCY A 1 0.01 2.94 -0.64
N1 MCY A 1 -0.20 -0.04 1.43
C2 MCY A 1 0.52 0.16 2.59
N3 MCY A 1 1.09 1.36 2.76
C4 MCY A 1 0.95 2.35 1.87
C5 MCY A 1 0.22 2.17 0.76
C6 MCY A 1 -0.33 0.97 0.53
O2 MCY A 1 0.59 -0.70 3.47
N4 MCY A 1 1.43 3.53 2.19
C1' MCY A 1 -0.77 -1.38 1.17
C2' MCY A 1 -2.23 -1.27 0.72
C3' MCY A 1 -2.27 -1.67 -0.73
C4' MCY A 1 -0.89 -2.21 -1.05
O4' MCY A 1 -0.05 -2.03 0.11
O3' MCY A 1 -3.27 -2.67 -0.94
C5' MCY A 1 -0.29 -1.50 -2.27
O5' MCY A 1 -1.16 -0.50 -2.81
C5A MCY A 1 0.01 3.30 -0.24
H6 MCY A 1 -0.86 0.80 -0.38
HN41 MCY A 1 1.99 3.61 3.03
HN42 MCY A 1 1.12 4.36 1.74
H1' MCY A 1 -0.72 -1.98 2.07
H2' MCY A 1 -2.57 -0.24 0.84
H2'' MCY A 1 -2.83 -1.93 1.32
H3' MCY A 1 -2.47 -0.79 -1.34
H4' MCY A 1 -0.96 -3.28 -1.26
H5' MCY A 1 0.65 -1.04 -1.98
H5'' MCY A 1 -0.08 -2.25 -3.04
HO5' MCY A 1 -2.00 -0.92 -2.97
H5A1 MCY A 1 0.30 4.24 0.21
H5A2 MCY A 1 -1.04 3.35 -0.53
H5A3 MCY A 1 0.62 3.12 -1.13
#